data_8IV8
#
_entry.id   8IV8
#
_cell.length_a   1.00
_cell.length_b   1.00
_cell.length_c   1.00
_cell.angle_alpha   90.00
_cell.angle_beta   90.00
_cell.angle_gamma   90.00
#
_symmetry.space_group_name_H-M   'P 1'
#
loop_
_entity.id
_entity.type
_entity.pdbx_description
1 polymer 'light chain of 3E2'
2 polymer 'heavy chain of 3E2'
3 polymer 'Spike protein S1'
4 polymer 'light chain of 1C4'
5 polymer 'heavy chain of 1C4'
6 branched beta-D-mannopyranose-(1-4)-2-acetamido-2-deoxy-beta-D-glucopyranose-(1-4)-2-acetamido-2-deoxy-beta-D-glucopyranose
#
loop_
_entity_poly.entity_id
_entity_poly.type
_entity_poly.pdbx_seq_one_letter_code
_entity_poly.pdbx_strand_id
1 'polypeptide(L)'
;QIVLTQSPAIMSASLGEEITLTCSVSSSVSDMHWYQQKSGTSPKVFIYSTSNLASGVPSRFSGSGSGTFYSLTISSVEAE
DAAYYYCHQWSSWTFGGGTKLEIK
;
L
2 'polypeptide(L)'
;EVMLVESGGGVVKPGGSLKLSCAASGFSFSTYAMSWIRQTPEKSLEWVAAISSGGTNTYYPGSVKGRFTISRDKAMNTLY
LQLSSLRSEDTAMYYCVRHSGNYVDSVMDYWGQGTSVTVSS
;
H
3 'polypeptide(L)'
;ESIVRFPNITNLCPFGEVFNATRFASVYAWNRKRISNCVADYSVLYNSASFSTFKCYGVSPTKLNDLCFTNVYADSFVIR
GDEVRQIAPGQTGKIADYNYKLPDDFTGCVIAWNSNNLDSKVGGNYNYLYRLFRKSNLKPFERDISTEIYQAGSTPCNGV
EGFNCYFPLQSYGFQPTNGVGYQPYRVVVLSFELLHAPATVCGP
;
G
4 'polypeptide(L)'
;DIVLTQSPATLSVTPGDNVSLSCRASQIISNNLHWYQQKSHESPRLLIKYASQSISGIPSRFSGSGSGTDFTLSINSVET
EDFGMYFCQQSNTWPLTCGSGTKLELN
;
D
5 'polypeptide(L)'
;QIQLVQSGPELKKPGETVKISCKASGYTFTDYGLNWVKQAPGKGLKWMGWINTYSGEPTYNDEFRGRFAFSLETSTITAY
LKINNLKNEDTATYFCARGGNWDWYFDVWGAGTTVTVSS
;
C
#
# COMPACT_ATOMS: atom_id res chain seq x y z
N GLN A 1 13.47 -4.07 11.68
CA GLN A 1 12.26 -3.34 12.04
C GLN A 1 12.45 -2.58 13.35
N ILE A 2 11.35 -2.33 14.05
CA ILE A 2 11.37 -1.54 15.27
C ILE A 2 11.27 -2.46 16.48
N VAL A 3 12.18 -2.28 17.43
CA VAL A 3 12.08 -2.89 18.75
C VAL A 3 12.12 -1.79 19.79
N LEU A 4 11.39 -1.98 20.89
CA LEU A 4 11.33 -1.01 21.97
C LEU A 4 11.96 -1.64 23.22
N THR A 5 13.14 -1.18 23.58
CA THR A 5 13.87 -1.71 24.73
C THR A 5 13.67 -0.79 25.93
N GLN A 6 13.23 -1.36 27.04
CA GLN A 6 13.08 -0.63 28.30
C GLN A 6 13.89 -1.35 29.37
N SER A 7 14.92 -0.69 29.87
CA SER A 7 15.81 -1.28 30.86
C SER A 7 15.84 -0.43 32.12
N PRO A 8 15.75 -1.04 33.31
CA PRO A 8 15.65 -2.48 33.56
C PRO A 8 14.21 -2.98 33.54
N ALA A 9 14.02 -4.23 33.96
CA ALA A 9 12.67 -4.80 33.98
C ALA A 9 11.83 -4.19 35.09
N ILE A 10 12.43 -3.87 36.23
CA ILE A 10 11.72 -3.25 37.35
C ILE A 10 12.62 -2.19 37.96
N MET A 11 12.14 -0.97 38.06
CA MET A 11 12.84 0.12 38.71
C MET A 11 12.38 0.25 40.16
N SER A 12 13.30 0.67 41.03
CA SER A 12 13.05 0.79 42.46
C SER A 12 12.89 2.25 42.83
N ALA A 13 11.83 2.56 43.58
CA ALA A 13 11.56 3.93 43.99
C ALA A 13 10.71 3.92 45.26
N SER A 14 11.31 4.27 46.39
CA SER A 14 10.56 4.50 47.61
C SER A 14 9.81 5.82 47.51
N LEU A 15 8.85 6.02 48.42
CA LEU A 15 7.88 7.10 48.30
C LEU A 15 8.53 8.47 48.50
N GLY A 16 8.07 9.45 47.72
CA GLY A 16 8.60 10.80 47.74
C GLY A 16 9.70 11.05 46.73
N GLU A 17 10.27 10.00 46.15
CA GLU A 17 11.37 10.11 45.20
C GLU A 17 10.84 10.50 43.82
N GLU A 18 11.74 10.99 42.97
CA GLU A 18 11.42 11.34 41.59
C GLU A 18 12.23 10.44 40.67
N ILE A 19 11.55 9.49 40.01
CA ILE A 19 12.19 8.55 39.11
C ILE A 19 11.63 8.79 37.71
N THR A 20 12.44 8.46 36.71
CA THR A 20 12.01 8.52 35.31
C THR A 20 12.14 7.14 34.67
N LEU A 21 11.31 6.90 33.67
CA LEU A 21 11.22 5.61 32.99
C LEU A 21 11.64 5.79 31.54
N THR A 22 12.48 4.88 31.05
CA THR A 22 13.09 5.02 29.73
C THR A 22 12.28 4.29 28.66
N CYS A 23 12.51 4.68 27.41
CA CYS A 23 11.94 4.00 26.25
C CYS A 23 12.80 4.38 25.04
N SER A 24 13.52 3.40 24.48
CA SER A 24 14.41 3.65 23.36
C SER A 24 14.02 2.81 22.15
N VAL A 25 14.36 3.30 20.97
CA VAL A 25 14.01 2.68 19.70
C VAL A 25 15.27 2.42 18.90
N SER A 26 15.20 1.46 17.98
CA SER A 26 16.31 1.19 17.08
C SER A 26 16.41 2.27 16.00
N SER A 27 15.38 2.39 15.17
CA SER A 27 15.32 3.44 14.16
C SER A 27 14.48 4.59 14.70
N SER A 28 14.88 5.82 14.36
CA SER A 28 14.38 7.01 15.03
C SER A 28 12.93 7.27 14.65
N VAL A 29 12.07 7.32 15.66
CA VAL A 29 10.66 7.58 15.48
C VAL A 29 10.34 8.98 15.96
N SER A 30 9.19 9.50 15.53
CA SER A 30 8.83 10.87 15.81
C SER A 30 8.25 11.09 17.20
N ASP A 31 7.57 10.09 17.76
CA ASP A 31 6.93 10.24 19.06
C ASP A 31 6.78 8.86 19.69
N MET A 32 6.17 8.84 20.88
CA MET A 32 6.01 7.62 21.66
C MET A 32 4.96 7.85 22.73
N HIS A 33 3.97 6.96 22.80
CA HIS A 33 2.92 7.04 23.80
C HIS A 33 3.35 6.32 25.08
N TRP A 34 2.43 6.28 26.05
CA TRP A 34 2.71 5.66 27.34
C TRP A 34 1.43 5.08 27.90
N TYR A 35 1.44 3.78 28.18
CA TYR A 35 0.27 3.07 28.69
C TYR A 35 0.56 2.50 30.07
N GLN A 36 -0.51 2.32 30.84
CA GLN A 36 -0.40 1.87 32.23
C GLN A 36 -1.39 0.74 32.46
N GLN A 37 -0.91 -0.37 33.01
CA GLN A 37 -1.73 -1.53 33.30
C GLN A 37 -1.40 -2.07 34.69
N LYS A 38 -2.44 -2.20 35.52
CA LYS A 38 -2.29 -2.79 36.86
C LYS A 38 -2.28 -4.32 36.73
N SER A 39 -2.38 -5.00 37.87
CA SER A 39 -2.39 -6.46 37.90
C SER A 39 -3.85 -6.93 37.88
N GLY A 40 -4.33 -7.27 36.68
CA GLY A 40 -5.64 -7.87 36.53
C GLY A 40 -6.65 -7.04 35.76
N THR A 41 -6.39 -5.76 35.51
CA THR A 41 -7.31 -4.93 34.76
C THR A 41 -6.74 -4.64 33.37
N SER A 42 -7.60 -4.10 32.51
CA SER A 42 -7.17 -3.69 31.19
C SER A 42 -6.26 -2.47 31.28
N PRO A 43 -5.32 -2.32 30.35
CA PRO A 43 -4.46 -1.13 30.37
C PRO A 43 -5.21 0.15 30.06
N LYS A 44 -4.69 1.26 30.58
CA LYS A 44 -5.20 2.59 30.32
C LYS A 44 -4.10 3.48 29.79
N VAL A 45 -4.50 4.60 29.21
CA VAL A 45 -3.56 5.52 28.59
C VAL A 45 -3.17 6.60 29.60
N PHE A 46 -1.88 6.95 29.63
CA PHE A 46 -1.39 8.07 30.42
C PHE A 46 -0.96 9.25 29.56
N ILE A 47 -0.03 9.06 28.63
CA ILE A 47 0.56 10.16 27.87
C ILE A 47 0.53 9.82 26.39
N TYR A 48 -0.04 10.72 25.59
CA TYR A 48 0.11 10.70 24.14
C TYR A 48 0.94 11.90 23.69
N SER A 49 1.56 11.73 22.51
CA SER A 49 2.37 12.77 21.84
C SER A 49 3.54 13.25 22.69
N THR A 50 4.04 12.36 23.57
CA THR A 50 5.22 12.47 24.42
C THR A 50 5.15 13.54 25.51
N SER A 51 4.14 14.40 25.51
CA SER A 51 4.04 15.40 26.57
C SER A 51 2.63 15.67 27.06
N ASN A 52 1.59 15.29 26.34
CA ASN A 52 0.22 15.61 26.74
C ASN A 52 -0.30 14.53 27.68
N LEU A 53 -1.20 14.92 28.58
CA LEU A 53 -1.69 14.04 29.63
C LEU A 53 -3.12 13.63 29.33
N ALA A 54 -3.45 12.36 29.62
CA ALA A 54 -4.78 11.83 29.35
C ALA A 54 -5.77 12.28 30.43
N SER A 55 -6.97 11.73 30.35
CA SER A 55 -8.07 12.18 31.20
C SER A 55 -7.96 11.59 32.60
N GLY A 56 -8.22 12.44 33.59
CA GLY A 56 -8.36 11.98 34.98
C GLY A 56 -7.09 11.46 35.61
N VAL A 57 -5.93 11.96 35.20
CA VAL A 57 -4.65 11.48 35.71
C VAL A 57 -3.97 12.68 36.35
N PRO A 58 -3.36 12.53 37.54
CA PRO A 58 -2.80 13.70 38.24
C PRO A 58 -1.61 14.31 37.51
N SER A 59 -1.30 15.55 37.90
CA SER A 59 -0.35 16.39 37.18
C SER A 59 1.08 16.19 37.66
N ARG A 60 1.51 14.93 37.67
CA ARG A 60 2.90 14.57 37.84
C ARG A 60 3.40 13.70 36.70
N PHE A 61 2.51 13.29 35.80
CA PHE A 61 2.83 12.40 34.68
C PHE A 61 3.02 13.28 33.45
N SER A 62 4.19 13.91 33.36
CA SER A 62 4.52 14.75 32.22
C SER A 62 5.92 14.40 31.76
N GLY A 63 6.00 13.63 30.66
CA GLY A 63 7.26 13.17 30.14
C GLY A 63 7.73 14.01 28.98
N SER A 64 8.85 13.60 28.39
CA SER A 64 9.44 14.29 27.26
C SER A 64 10.34 13.31 26.52
N GLY A 65 10.93 13.78 25.43
CA GLY A 65 11.86 12.99 24.65
C GLY A 65 11.60 13.08 23.16
N SER A 66 12.65 12.88 22.38
CA SER A 66 12.56 12.91 20.93
C SER A 66 13.67 12.03 20.35
N GLY A 67 13.61 11.83 19.04
CA GLY A 67 14.64 11.08 18.36
C GLY A 67 14.59 9.60 18.66
N THR A 68 15.57 9.12 19.44
CA THR A 68 15.64 7.73 19.84
C THR A 68 15.64 7.58 21.36
N PHE A 69 14.98 8.51 22.06
CA PHE A 69 14.93 8.49 23.51
C PHE A 69 13.65 9.18 23.96
N TYR A 70 12.90 8.53 24.84
CA TYR A 70 11.62 9.04 25.30
C TYR A 70 11.47 8.68 26.77
N SER A 71 11.32 9.69 27.63
CA SER A 71 11.38 9.51 29.07
C SER A 71 10.04 9.84 29.71
N LEU A 72 9.71 9.08 30.76
CA LEU A 72 8.43 9.20 31.47
C LEU A 72 8.70 9.68 32.89
N THR A 73 8.31 10.91 33.20
CA THR A 73 8.64 11.54 34.47
C THR A 73 7.48 11.44 35.45
N ILE A 74 7.80 11.10 36.70
CA ILE A 74 6.87 11.14 37.81
C ILE A 74 7.55 11.89 38.95
N SER A 75 6.95 12.99 39.39
CA SER A 75 7.60 13.86 40.36
C SER A 75 7.55 13.26 41.77
N SER A 76 6.36 13.11 42.33
CA SER A 76 6.18 12.56 43.67
C SER A 76 5.50 11.20 43.53
N VAL A 77 6.27 10.13 43.74
CA VAL A 77 5.75 8.78 43.58
C VAL A 77 4.79 8.45 44.72
N GLU A 78 3.61 7.94 44.36
CA GLU A 78 2.62 7.51 45.33
C GLU A 78 2.47 5.99 45.22
N ALA A 79 2.14 5.37 46.36
CA ALA A 79 2.08 3.91 46.45
C ALA A 79 0.95 3.30 45.64
N GLU A 80 -0.01 4.11 45.18
CA GLU A 80 -1.01 3.61 44.23
C GLU A 80 -0.38 3.32 42.87
N ASP A 81 0.68 4.05 42.51
CA ASP A 81 1.32 3.88 41.20
C ASP A 81 2.32 2.72 41.26
N ALA A 82 1.75 1.51 41.32
CA ALA A 82 2.50 0.27 41.25
C ALA A 82 1.84 -0.56 40.15
N ALA A 83 2.28 -0.38 38.92
CA ALA A 83 1.64 -1.01 37.78
C ALA A 83 2.69 -1.31 36.73
N TYR A 84 2.28 -2.10 35.73
CA TYR A 84 3.13 -2.33 34.57
C TYR A 84 2.93 -1.20 33.57
N TYR A 85 4.04 -0.69 33.04
CA TYR A 85 4.02 0.51 32.21
C TYR A 85 4.61 0.17 30.85
N TYR A 86 3.84 0.43 29.79
CA TYR A 86 4.25 0.15 28.42
C TYR A 86 4.28 1.44 27.62
N CYS A 87 5.32 1.59 26.78
CA CYS A 87 5.38 2.65 25.78
C CYS A 87 5.21 2.03 24.40
N HIS A 88 4.43 2.68 23.55
CA HIS A 88 4.13 2.10 22.25
C HIS A 88 3.85 3.19 21.23
N GLN A 89 4.57 3.15 20.13
CA GLN A 89 4.41 4.08 19.03
C GLN A 89 3.61 3.38 17.92
N TRP A 90 2.95 4.21 17.10
CA TRP A 90 2.28 3.80 15.87
C TRP A 90 3.08 2.83 15.01
N SER A 91 4.39 3.06 14.87
CA SER A 91 5.22 2.24 13.99
C SER A 91 5.93 1.14 14.79
N SER A 92 5.14 0.24 15.37
CA SER A 92 5.76 -0.78 16.20
C SER A 92 5.56 -2.22 15.75
N TRP A 93 4.29 -2.64 15.63
CA TRP A 93 3.77 -4.01 15.60
C TRP A 93 4.02 -4.82 16.88
N THR A 94 4.69 -4.22 17.87
CA THR A 94 5.04 -4.90 19.11
C THR A 94 5.36 -3.85 20.16
N PHE A 95 4.86 -4.06 21.37
CA PHE A 95 5.01 -3.06 22.41
C PHE A 95 6.41 -3.15 23.02
N GLY A 96 6.65 -2.32 24.02
CA GLY A 96 7.87 -2.45 24.78
C GLY A 96 7.83 -3.66 25.69
N GLY A 97 8.99 -3.97 26.29
CA GLY A 97 9.08 -5.07 27.22
C GLY A 97 8.29 -4.87 28.50
N GLY A 98 7.98 -3.63 28.84
CA GLY A 98 7.17 -3.34 30.01
C GLY A 98 8.00 -3.29 31.27
N THR A 99 7.92 -2.18 31.99
CA THR A 99 8.62 -2.02 33.26
C THR A 99 7.63 -1.76 34.37
N LYS A 100 7.75 -2.53 35.45
CA LYS A 100 6.88 -2.36 36.61
C LYS A 100 7.60 -1.54 37.67
N LEU A 101 6.93 -0.48 38.13
CA LEU A 101 7.48 0.40 39.15
C LEU A 101 7.03 -0.10 40.52
N GLU A 102 7.99 -0.48 41.36
CA GLU A 102 7.70 -0.97 42.70
C GLU A 102 8.09 0.08 43.73
N ILE A 103 7.55 -0.08 44.94
CA ILE A 103 7.83 0.82 46.05
C ILE A 103 8.77 0.10 47.02
N LYS A 104 9.92 0.73 47.28
CA LYS A 104 10.90 0.14 48.19
C LYS A 104 10.42 0.22 49.64
N GLU B 1 -21.53 7.75 27.98
CA GLU B 1 -20.17 7.33 28.28
C GLU B 1 -19.73 6.19 27.38
N VAL B 2 -18.43 6.11 27.11
CA VAL B 2 -17.89 5.09 26.23
C VAL B 2 -17.88 3.75 26.94
N MET B 3 -18.48 2.75 26.31
CA MET B 3 -18.58 1.43 26.90
C MET B 3 -18.31 0.37 25.85
N LEU B 4 -17.37 -0.52 26.15
CA LEU B 4 -17.00 -1.63 25.27
C LEU B 4 -17.09 -2.93 26.05
N VAL B 5 -17.68 -3.95 25.42
CA VAL B 5 -17.74 -5.29 25.99
C VAL B 5 -17.18 -6.27 24.98
N GLU B 6 -16.77 -7.44 25.48
CA GLU B 6 -16.22 -8.50 24.65
C GLU B 6 -16.85 -9.83 25.02
N SER B 7 -16.74 -10.79 24.12
CA SER B 7 -17.36 -12.10 24.29
C SER B 7 -16.64 -13.11 23.40
N GLY B 8 -17.16 -14.33 23.35
CA GLY B 8 -16.70 -15.33 22.42
C GLY B 8 -15.42 -16.05 22.78
N GLY B 9 -14.71 -15.61 23.81
CA GLY B 9 -13.45 -16.23 24.17
C GLY B 9 -13.65 -17.56 24.83
N GLY B 10 -13.39 -18.64 24.10
CA GLY B 10 -13.54 -19.98 24.66
C GLY B 10 -12.28 -20.80 24.55
N VAL B 11 -12.42 -22.10 24.32
CA VAL B 11 -11.28 -22.99 24.12
C VAL B 11 -11.47 -23.74 22.80
N VAL B 12 -10.44 -23.69 21.95
CA VAL B 12 -10.40 -24.42 20.69
C VAL B 12 -9.07 -25.14 20.61
N LYS B 13 -9.10 -26.41 20.22
CA LYS B 13 -7.86 -27.15 19.99
C LYS B 13 -7.15 -26.58 18.76
N PRO B 14 -5.82 -26.74 18.68
CA PRO B 14 -5.06 -26.17 17.54
C PRO B 14 -5.47 -26.76 16.20
N GLY B 15 -5.63 -25.87 15.22
CA GLY B 15 -6.18 -26.20 13.93
C GLY B 15 -7.58 -25.68 13.71
N GLY B 16 -8.33 -25.43 14.77
CA GLY B 16 -9.69 -24.97 14.68
C GLY B 16 -9.81 -23.47 14.52
N SER B 17 -11.03 -22.96 14.68
CA SER B 17 -11.33 -21.56 14.46
C SER B 17 -12.20 -21.05 15.59
N LEU B 18 -12.32 -19.73 15.66
CA LEU B 18 -13.11 -19.05 16.69
C LEU B 18 -13.38 -17.63 16.22
N LYS B 19 -14.56 -17.13 16.57
CA LYS B 19 -14.97 -15.77 16.22
C LYS B 19 -15.24 -14.98 17.48
N LEU B 20 -14.69 -13.77 17.55
CA LEU B 20 -14.99 -12.84 18.64
C LEU B 20 -15.92 -11.74 18.14
N SER B 21 -16.39 -10.92 19.08
CA SER B 21 -17.29 -9.82 18.76
C SER B 21 -17.22 -8.79 19.87
N CYS B 22 -16.78 -7.59 19.52
CA CYS B 22 -16.65 -6.48 20.47
C CYS B 22 -17.79 -5.51 20.20
N ALA B 23 -18.76 -5.47 21.12
CA ALA B 23 -19.90 -4.59 20.95
C ALA B 23 -19.60 -3.22 21.53
N ALA B 24 -19.89 -2.18 20.75
CA ALA B 24 -19.63 -0.81 21.15
C ALA B 24 -20.93 -0.10 21.53
N SER B 25 -20.83 0.80 22.50
CA SER B 25 -21.99 1.57 22.95
C SER B 25 -21.50 2.83 23.63
N GLY B 26 -21.86 3.99 23.10
CA GLY B 26 -21.58 5.23 23.78
C GLY B 26 -20.92 6.32 22.93
N PHE B 27 -20.81 6.10 21.62
CA PHE B 27 -20.20 7.10 20.75
C PHE B 27 -20.71 6.88 19.33
N SER B 28 -20.41 7.85 18.46
CA SER B 28 -20.61 7.68 17.03
C SER B 28 -19.64 6.63 16.50
N PHE B 29 -20.19 5.54 16.00
CA PHE B 29 -19.36 4.36 15.74
C PHE B 29 -18.57 4.46 14.45
N SER B 30 -19.15 5.04 13.41
CA SER B 30 -18.58 4.98 12.07
C SER B 30 -17.66 6.15 11.77
N THR B 31 -16.99 6.69 12.79
CA THR B 31 -16.10 7.82 12.61
C THR B 31 -14.72 7.56 13.21
N TYR B 32 -14.60 6.68 14.20
CA TYR B 32 -13.34 6.41 14.87
C TYR B 32 -12.84 5.03 14.49
N ALA B 33 -11.52 4.84 14.60
CA ALA B 33 -10.87 3.59 14.22
C ALA B 33 -10.65 2.72 15.45
N MET B 34 -10.72 1.41 15.24
CA MET B 34 -10.51 0.43 16.30
C MET B 34 -9.44 -0.55 15.89
N SER B 35 -8.90 -1.26 16.87
CA SER B 35 -7.91 -2.29 16.62
C SER B 35 -7.93 -3.30 17.76
N TRP B 36 -7.32 -4.46 17.51
CA TRP B 36 -7.31 -5.55 18.48
C TRP B 36 -5.88 -5.83 18.89
N ILE B 37 -5.63 -5.86 20.20
CA ILE B 37 -4.32 -6.15 20.76
C ILE B 37 -4.45 -7.37 21.65
N ARG B 38 -3.56 -8.33 21.47
CA ARG B 38 -3.53 -9.52 22.31
C ARG B 38 -2.48 -9.34 23.40
N GLN B 39 -2.69 -10.02 24.53
CA GLN B 39 -1.78 -9.96 25.66
C GLN B 39 -1.24 -11.36 25.95
N THR B 40 0.07 -11.53 25.75
CA THR B 40 0.75 -12.79 26.01
C THR B 40 0.67 -13.15 27.50
N PRO B 41 0.84 -14.43 27.84
CA PRO B 41 0.94 -14.80 29.26
C PRO B 41 2.15 -14.20 29.97
N GLU B 42 3.18 -13.80 29.24
CA GLU B 42 4.29 -13.02 29.79
C GLU B 42 4.00 -11.52 29.79
N LYS B 43 2.77 -11.12 29.43
CA LYS B 43 2.26 -9.75 29.50
C LYS B 43 3.05 -8.80 28.60
N SER B 44 3.15 -9.19 27.33
CA SER B 44 3.82 -8.38 26.30
C SER B 44 2.86 -8.16 25.15
N LEU B 45 2.48 -6.91 24.93
CA LEU B 45 1.45 -6.60 23.96
C LEU B 45 2.01 -6.50 22.55
N GLU B 46 1.17 -6.84 21.57
CA GLU B 46 1.46 -6.64 20.16
C GLU B 46 0.14 -6.60 19.41
N TRP B 47 0.11 -5.85 18.30
CA TRP B 47 -1.10 -5.82 17.49
C TRP B 47 -1.33 -7.16 16.81
N VAL B 48 -2.60 -7.43 16.49
CA VAL B 48 -2.95 -8.53 15.60
C VAL B 48 -3.77 -8.01 14.44
N ALA B 49 -4.42 -6.86 14.62
CA ALA B 49 -5.29 -6.30 13.60
C ALA B 49 -5.50 -4.83 13.87
N ALA B 50 -5.89 -4.10 12.82
CA ALA B 50 -6.19 -2.67 12.92
C ALA B 50 -7.01 -2.27 11.70
N ILE B 51 -8.14 -1.61 11.93
CA ILE B 51 -9.05 -1.23 10.86
C ILE B 51 -9.33 0.27 10.99
N SER B 52 -9.40 0.95 9.84
CA SER B 52 -9.63 2.39 9.81
C SER B 52 -11.11 2.69 10.03
N SER B 53 -11.51 3.94 9.78
CA SER B 53 -12.87 4.38 10.07
C SER B 53 -13.87 3.74 9.11
N GLY B 54 -13.68 3.94 7.81
CA GLY B 54 -14.62 3.45 6.82
C GLY B 54 -14.55 1.97 6.50
N GLY B 55 -13.75 1.19 7.24
CA GLY B 55 -13.65 -0.22 6.99
C GLY B 55 -12.93 -0.58 5.71
N THR B 56 -12.09 0.31 5.19
CA THR B 56 -11.44 0.11 3.91
C THR B 56 -10.02 -0.41 4.03
N ASN B 57 -9.34 -0.17 5.14
CA ASN B 57 -7.93 -0.47 5.29
C ASN B 57 -7.71 -1.34 6.51
N THR B 58 -7.10 -2.51 6.32
CA THR B 58 -6.81 -3.44 7.39
C THR B 58 -5.33 -3.81 7.36
N TYR B 59 -4.70 -3.85 8.53
CA TYR B 59 -3.29 -4.18 8.64
C TYR B 59 -3.07 -5.25 9.70
N TYR B 60 -2.28 -6.26 9.37
CA TYR B 60 -1.91 -7.33 10.28
C TYR B 60 -0.41 -7.55 10.18
N PRO B 61 0.26 -7.95 11.28
CA PRO B 61 1.70 -8.22 11.20
C PRO B 61 2.02 -9.54 10.54
N GLY B 62 3.29 -9.90 10.49
CA GLY B 62 3.71 -11.10 9.79
C GLY B 62 3.50 -12.40 10.54
N SER B 63 3.16 -12.33 11.83
CA SER B 63 2.99 -13.55 12.60
C SER B 63 1.59 -14.13 12.47
N VAL B 64 0.59 -13.29 12.24
CA VAL B 64 -0.80 -13.72 12.13
C VAL B 64 -1.38 -13.38 10.76
N LYS B 65 -0.53 -13.24 9.75
CA LYS B 65 -0.97 -12.77 8.44
C LYS B 65 -1.72 -13.87 7.70
N GLY B 66 -2.84 -13.50 7.08
CA GLY B 66 -3.57 -14.37 6.18
C GLY B 66 -4.80 -15.00 6.77
N ARG B 67 -4.95 -15.00 8.10
CA ARG B 67 -6.08 -15.66 8.74
C ARG B 67 -6.92 -14.76 9.63
N PHE B 68 -6.30 -13.83 10.37
CA PHE B 68 -7.03 -12.96 11.28
C PHE B 68 -7.73 -11.90 10.45
N THR B 69 -9.02 -12.09 10.18
CA THR B 69 -9.79 -11.17 9.35
C THR B 69 -10.70 -10.32 10.23
N ILE B 70 -10.34 -9.05 10.39
CA ILE B 70 -11.15 -8.12 11.15
C ILE B 70 -12.29 -7.60 10.29
N SER B 71 -13.36 -7.13 10.92
CA SER B 71 -14.52 -6.65 10.19
C SER B 71 -15.28 -5.66 11.06
N ARG B 72 -15.79 -4.59 10.43
CA ARG B 72 -16.57 -3.57 11.10
C ARG B 72 -18.02 -3.66 10.64
N ASP B 73 -18.94 -3.39 11.56
CA ASP B 73 -20.36 -3.41 11.28
C ASP B 73 -20.91 -2.00 11.27
N LYS B 74 -21.82 -1.72 10.34
CA LYS B 74 -22.43 -0.41 10.22
C LYS B 74 -23.73 -0.30 10.98
N ALA B 75 -24.52 -1.38 11.03
CA ALA B 75 -25.87 -1.30 11.56
C ALA B 75 -25.91 -1.42 13.07
N MET B 76 -25.47 -2.57 13.60
CA MET B 76 -25.81 -2.96 14.97
C MET B 76 -24.75 -2.55 15.98
N ASN B 77 -23.75 -1.77 15.55
CA ASN B 77 -22.78 -1.09 16.43
C ASN B 77 -21.94 -2.09 17.23
N THR B 78 -21.48 -3.13 16.53
CA THR B 78 -20.54 -4.11 17.08
C THR B 78 -19.30 -4.18 16.19
N LEU B 79 -18.41 -5.09 16.52
CA LEU B 79 -17.14 -5.22 15.79
C LEU B 79 -16.65 -6.65 15.91
N TYR B 80 -16.57 -7.36 14.79
CA TYR B 80 -16.19 -8.76 14.78
C TYR B 80 -14.72 -8.92 14.42
N LEU B 81 -14.04 -9.83 15.12
CA LEU B 81 -12.70 -10.27 14.75
C LEU B 81 -12.71 -11.78 14.63
N GLN B 82 -12.44 -12.29 13.43
CA GLN B 82 -12.54 -13.71 13.12
C GLN B 82 -11.14 -14.32 13.09
N LEU B 83 -10.97 -15.43 13.79
CA LEU B 83 -9.69 -16.14 13.83
C LEU B 83 -9.86 -17.54 13.25
N SER B 84 -8.77 -18.05 12.67
CA SER B 84 -8.77 -19.38 12.09
C SER B 84 -7.34 -19.87 12.00
N SER B 85 -7.19 -21.20 11.96
CA SER B 85 -5.91 -21.90 11.78
C SER B 85 -4.90 -21.52 12.86
N LEU B 86 -5.25 -21.88 14.10
CA LEU B 86 -4.48 -21.45 15.25
C LEU B 86 -3.17 -22.20 15.36
N ARG B 87 -2.28 -21.69 16.20
CA ARG B 87 -1.04 -22.34 16.56
C ARG B 87 -0.92 -22.42 18.07
N SER B 88 0.22 -22.94 18.53
CA SER B 88 0.40 -23.21 19.95
C SER B 88 0.71 -21.95 20.75
N GLU B 89 1.17 -20.88 20.11
CA GLU B 89 1.58 -19.68 20.82
C GLU B 89 0.50 -18.61 20.86
N ASP B 90 -0.59 -18.77 20.10
CA ASP B 90 -1.57 -17.70 19.94
C ASP B 90 -2.57 -17.61 21.10
N THR B 91 -2.38 -18.36 22.18
CA THR B 91 -3.24 -18.20 23.35
C THR B 91 -2.88 -16.91 24.07
N ALA B 92 -3.85 -15.99 24.17
CA ALA B 92 -3.60 -14.66 24.70
C ALA B 92 -4.92 -14.04 25.13
N MET B 93 -4.82 -12.97 25.90
CA MET B 93 -5.98 -12.16 26.25
C MET B 93 -6.12 -11.03 25.24
N TYR B 94 -7.27 -10.96 24.58
CA TYR B 94 -7.47 -10.13 23.41
C TYR B 94 -8.34 -8.94 23.80
N TYR B 95 -7.76 -7.75 23.82
CA TYR B 95 -8.50 -6.54 24.14
C TYR B 95 -9.11 -5.92 22.89
N CYS B 96 -10.05 -5.01 23.10
CA CYS B 96 -10.71 -4.27 22.04
C CYS B 96 -10.57 -2.79 22.36
N VAL B 97 -9.83 -2.06 21.53
CA VAL B 97 -9.47 -0.68 21.83
C VAL B 97 -10.09 0.24 20.79
N ARG B 98 -10.06 1.53 21.10
CA ARG B 98 -10.60 2.56 20.23
C ARG B 98 -9.60 3.69 20.11
N HIS B 99 -9.37 4.15 18.87
CA HIS B 99 -8.50 5.29 18.64
C HIS B 99 -9.29 6.59 18.80
N SER B 100 -8.59 7.72 18.75
CA SER B 100 -9.24 9.01 18.83
C SER B 100 -9.29 9.75 17.50
N GLY B 101 -8.36 9.45 16.59
CA GLY B 101 -8.40 10.00 15.26
C GLY B 101 -9.07 9.06 14.29
N ASN B 102 -9.38 9.59 13.10
CA ASN B 102 -10.09 8.82 12.09
C ASN B 102 -9.20 7.81 11.37
N TYR B 103 -7.92 7.72 11.72
CA TYR B 103 -7.02 6.71 11.16
C TYR B 103 -6.45 5.90 12.32
N VAL B 104 -5.49 5.04 12.00
CA VAL B 104 -4.87 4.21 13.02
C VAL B 104 -3.77 4.95 13.78
N ASP B 105 -3.36 6.13 13.29
CA ASP B 105 -2.16 6.80 13.78
C ASP B 105 -2.31 7.32 15.20
N SER B 106 -3.53 7.63 15.64
CA SER B 106 -3.71 8.29 16.92
C SER B 106 -3.62 7.29 18.06
N VAL B 107 -3.82 7.79 19.27
CA VAL B 107 -3.59 7.02 20.49
C VAL B 107 -4.87 6.30 20.87
N MET B 108 -4.74 5.29 21.73
CA MET B 108 -5.84 4.42 22.13
C MET B 108 -6.32 4.85 23.50
N ASP B 109 -7.52 5.42 23.57
CA ASP B 109 -8.03 5.93 24.84
C ASP B 109 -8.83 4.90 25.62
N TYR B 110 -9.89 4.36 25.02
CA TYR B 110 -10.84 3.52 25.72
C TYR B 110 -10.63 2.06 25.36
N TRP B 111 -10.61 1.21 26.39
CA TRP B 111 -10.29 -0.20 26.25
C TRP B 111 -11.45 -1.03 26.74
N GLY B 112 -11.59 -2.24 26.18
CA GLY B 112 -12.59 -3.18 26.61
C GLY B 112 -12.11 -3.99 27.80
N GLN B 113 -12.89 -5.03 28.14
CA GLN B 113 -12.55 -5.88 29.26
C GLN B 113 -11.63 -7.03 28.87
N GLY B 114 -11.77 -7.57 27.67
CA GLY B 114 -10.84 -8.56 27.18
C GLY B 114 -11.21 -9.99 27.51
N THR B 115 -11.29 -10.83 26.49
CA THR B 115 -11.51 -12.25 26.66
C THR B 115 -10.21 -13.00 26.46
N SER B 116 -10.14 -14.18 27.05
CA SER B 116 -8.93 -15.00 27.01
C SER B 116 -9.23 -16.27 26.22
N VAL B 117 -8.55 -16.44 25.10
CA VAL B 117 -8.68 -17.61 24.25
C VAL B 117 -7.52 -18.55 24.56
N THR B 118 -7.83 -19.83 24.70
CA THR B 118 -6.86 -20.84 25.08
C THR B 118 -6.85 -21.95 24.04
N VAL B 119 -5.67 -22.23 23.49
CA VAL B 119 -5.49 -23.40 22.63
C VAL B 119 -4.85 -24.50 23.47
N SER B 120 -5.58 -25.59 23.67
CA SER B 120 -5.10 -26.68 24.51
C SER B 120 -5.86 -27.95 24.15
N SER B 121 -5.10 -29.04 24.03
CA SER B 121 -5.60 -30.40 23.75
C SER B 121 -6.46 -30.49 22.50
N THR C 10 -16.11 21.82 -22.37
CA THR C 10 -16.07 21.12 -21.09
C THR C 10 -15.05 19.98 -21.13
N ASN C 11 -13.79 20.32 -20.86
CA ASN C 11 -12.72 19.34 -20.72
C ASN C 11 -12.28 19.29 -19.26
N LEU C 12 -11.96 18.09 -18.79
CA LEU C 12 -11.62 17.91 -17.39
C LEU C 12 -10.11 17.74 -17.25
N CYS C 13 -9.59 18.10 -16.08
CA CYS C 13 -8.14 18.17 -15.89
C CYS C 13 -7.54 16.78 -15.80
N PRO C 14 -6.37 16.56 -16.41
CA PRO C 14 -5.72 15.24 -16.29
C PRO C 14 -5.16 14.96 -14.91
N PHE C 15 -6.03 14.64 -13.95
CA PHE C 15 -5.58 14.17 -12.65
C PHE C 15 -5.19 12.70 -12.68
N GLY C 16 -5.61 11.97 -13.71
CA GLY C 16 -5.28 10.56 -13.82
C GLY C 16 -3.82 10.28 -14.06
N GLU C 17 -3.08 11.25 -14.60
CA GLU C 17 -1.66 11.07 -14.86
C GLU C 17 -0.80 11.33 -13.65
N VAL C 18 -1.38 11.78 -12.53
CA VAL C 18 -0.62 11.97 -11.31
C VAL C 18 -1.24 11.26 -10.11
N PHE C 19 -2.54 10.96 -10.11
CA PHE C 19 -3.10 10.13 -9.04
C PHE C 19 -2.96 8.65 -9.35
N ASN C 20 -2.95 8.30 -10.63
CA ASN C 20 -2.89 6.91 -11.05
C ASN C 20 -1.59 6.72 -11.83
N ALA C 21 -0.53 6.42 -11.10
CA ALA C 21 0.76 6.13 -11.71
C ALA C 21 1.35 4.90 -11.03
N THR C 22 2.14 4.15 -11.79
CA THR C 22 2.73 2.94 -11.22
C THR C 22 3.86 3.29 -10.27
N ARG C 23 4.87 4.00 -10.75
CA ARG C 23 6.07 4.29 -9.98
C ARG C 23 6.12 5.77 -9.66
N PHE C 24 5.71 6.14 -8.44
CA PHE C 24 5.96 7.49 -7.96
C PHE C 24 7.45 7.66 -7.73
N ALA C 25 7.96 8.84 -8.06
CA ALA C 25 9.37 9.12 -7.87
C ALA C 25 9.67 9.28 -6.39
N SER C 26 10.95 9.20 -6.06
CA SER C 26 11.35 9.29 -4.65
C SER C 26 11.26 10.74 -4.17
N VAL C 27 11.55 10.93 -2.88
CA VAL C 27 11.25 12.21 -2.25
C VAL C 27 12.26 13.28 -2.64
N TYR C 28 13.53 12.92 -2.83
CA TYR C 28 14.56 13.90 -3.15
C TYR C 28 14.52 14.31 -4.61
N ALA C 29 13.77 13.62 -5.45
CA ALA C 29 13.69 13.92 -6.88
C ALA C 29 12.22 13.88 -7.31
N TRP C 30 11.37 14.61 -6.58
CA TRP C 30 9.94 14.57 -6.82
C TRP C 30 9.57 15.13 -8.18
N ASN C 31 8.61 14.49 -8.84
CA ASN C 31 8.13 14.98 -10.13
C ASN C 31 7.14 16.11 -9.92
N ARG C 32 7.28 17.16 -10.70
CA ARG C 32 6.38 18.31 -10.66
C ARG C 32 5.63 18.39 -11.98
N LYS C 33 4.32 18.55 -11.91
CA LYS C 33 3.49 18.65 -13.10
C LYS C 33 2.69 19.94 -13.04
N ARG C 34 3.03 20.88 -13.91
CA ARG C 34 2.37 22.18 -13.97
C ARG C 34 1.03 22.03 -14.68
N ILE C 35 -0.01 22.56 -14.07
CA ILE C 35 -1.38 22.40 -14.56
C ILE C 35 -1.91 23.78 -14.94
N SER C 36 -2.43 23.89 -16.15
CA SER C 36 -3.08 25.11 -16.61
C SER C 36 -4.16 24.74 -17.62
N ASN C 37 -5.14 25.64 -17.74
CA ASN C 37 -6.26 25.53 -18.68
C ASN C 37 -7.07 24.25 -18.45
N CYS C 38 -7.27 23.93 -17.17
CA CYS C 38 -8.01 22.75 -16.77
C CYS C 38 -9.39 23.14 -16.23
N VAL C 39 -10.17 22.12 -15.94
CA VAL C 39 -11.35 22.22 -15.09
C VAL C 39 -11.22 21.09 -14.08
N ALA C 40 -11.14 21.44 -12.81
CA ALA C 40 -10.74 20.50 -11.77
C ALA C 40 -11.86 20.38 -10.74
N ASP C 41 -12.65 19.32 -10.88
CA ASP C 41 -13.72 19.02 -9.93
C ASP C 41 -13.11 18.22 -8.79
N TYR C 42 -12.77 18.90 -7.70
CA TYR C 42 -12.12 18.24 -6.58
C TYR C 42 -13.09 17.42 -5.73
N SER C 43 -14.39 17.49 -6.01
CA SER C 43 -15.35 16.65 -5.29
C SER C 43 -15.22 15.19 -5.66
N VAL C 44 -14.67 14.88 -6.84
CA VAL C 44 -14.34 13.51 -7.18
C VAL C 44 -13.17 13.02 -6.35
N LEU C 45 -12.27 13.92 -5.97
CA LEU C 45 -11.12 13.57 -5.14
C LEU C 45 -11.53 13.45 -3.68
N TYR C 46 -12.26 14.44 -3.17
CA TYR C 46 -12.56 14.51 -1.74
C TYR C 46 -13.53 13.42 -1.30
N ASN C 47 -14.49 13.07 -2.14
CA ASN C 47 -15.50 12.08 -1.79
C ASN C 47 -15.11 10.67 -2.22
N SER C 48 -13.80 10.42 -2.38
CA SER C 48 -13.33 9.07 -2.68
C SER C 48 -13.16 8.24 -1.42
N ALA C 49 -12.73 8.87 -0.32
CA ALA C 49 -12.63 8.31 1.03
C ALA C 49 -11.68 7.11 1.11
N SER C 50 -10.78 6.96 0.15
CA SER C 50 -9.73 5.96 0.22
C SER C 50 -8.38 6.56 0.57
N PHE C 51 -8.35 7.85 0.86
CA PHE C 51 -7.14 8.52 1.29
C PHE C 51 -7.08 8.55 2.81
N SER C 52 -5.86 8.57 3.34
CA SER C 52 -5.69 8.54 4.78
C SER C 52 -5.74 9.92 5.39
N THR C 53 -4.82 10.79 5.00
CA THR C 53 -4.72 12.14 5.55
C THR C 53 -5.03 13.13 4.44
N PHE C 54 -6.17 13.81 4.55
CA PHE C 54 -6.56 14.85 3.63
C PHE C 54 -6.58 16.16 4.41
N LYS C 55 -5.41 16.78 4.53
CA LYS C 55 -5.28 18.04 5.25
C LYS C 55 -5.24 19.18 4.27
N CYS C 56 -5.94 20.26 4.59
CA CYS C 56 -5.93 21.47 3.78
C CYS C 56 -5.44 22.64 4.62
N TYR C 57 -4.74 23.56 3.97
CA TYR C 57 -3.94 24.56 4.65
C TYR C 57 -4.17 25.95 4.08
N GLY C 58 -5.43 26.35 3.97
CA GLY C 58 -5.73 27.70 3.55
C GLY C 58 -7.03 27.85 2.79
N VAL C 59 -7.54 26.76 2.25
CA VAL C 59 -8.90 26.69 1.73
C VAL C 59 -9.62 25.55 2.44
N SER C 60 -10.91 25.73 2.69
CA SER C 60 -11.69 24.69 3.33
C SER C 60 -11.93 23.55 2.35
N PRO C 61 -11.89 22.28 2.81
CA PRO C 61 -11.94 21.16 1.85
C PRO C 61 -13.28 20.97 1.17
N THR C 62 -14.35 21.60 1.66
CA THR C 62 -15.59 21.63 0.89
C THR C 62 -15.73 22.90 0.06
N LYS C 63 -14.98 23.94 0.40
CA LYS C 63 -15.05 25.25 -0.25
C LYS C 63 -14.14 25.36 -1.46
N LEU C 64 -13.17 24.46 -1.60
CA LEU C 64 -12.16 24.56 -2.66
C LEU C 64 -12.70 24.40 -4.08
N ASN C 65 -13.94 23.96 -4.25
CA ASN C 65 -14.46 23.74 -5.60
C ASN C 65 -14.72 25.06 -6.33
N ASP C 66 -15.45 25.97 -5.70
CA ASP C 66 -15.94 27.17 -6.38
C ASP C 66 -15.06 28.40 -6.09
N LEU C 67 -13.81 28.33 -6.53
CA LEU C 67 -12.95 29.51 -6.62
C LEU C 67 -11.83 29.20 -7.62
N CYS C 68 -11.41 30.23 -8.35
CA CYS C 68 -10.54 30.06 -9.50
C CYS C 68 -9.08 30.23 -9.10
N PHE C 69 -8.19 29.76 -9.98
CA PHE C 69 -6.76 29.89 -9.81
C PHE C 69 -6.11 30.00 -11.19
N THR C 70 -4.80 30.25 -11.21
CA THR C 70 -4.12 30.31 -12.50
C THR C 70 -3.25 29.09 -12.77
N ASN C 71 -2.47 28.61 -11.80
CA ASN C 71 -1.58 27.48 -11.98
C ASN C 71 -1.44 26.74 -10.66
N VAL C 72 -1.70 25.44 -10.66
CA VAL C 72 -1.59 24.61 -9.47
C VAL C 72 -0.59 23.49 -9.73
N TYR C 73 0.41 23.39 -8.87
CA TYR C 73 1.47 22.41 -9.01
C TYR C 73 1.17 21.19 -8.15
N ALA C 74 1.23 20.02 -8.76
CA ALA C 74 0.95 18.75 -8.08
C ALA C 74 2.27 18.03 -7.88
N ASP C 75 2.95 18.34 -6.78
CA ASP C 75 4.13 17.59 -6.41
C ASP C 75 3.71 16.22 -5.86
N SER C 76 4.60 15.24 -5.99
CA SER C 76 4.26 13.88 -5.60
C SER C 76 5.52 13.10 -5.32
N PHE C 77 5.48 12.26 -4.28
CA PHE C 77 6.65 11.52 -3.83
C PHE C 77 6.19 10.42 -2.88
N VAL C 78 7.15 9.67 -2.34
CA VAL C 78 6.91 8.53 -1.47
C VAL C 78 7.71 8.72 -0.19
N ILE C 79 7.02 8.72 0.96
CA ILE C 79 7.66 8.86 2.25
C ILE C 79 7.13 7.79 3.20
N ARG C 80 7.84 7.62 4.31
CA ARG C 80 7.36 6.74 5.37
C ARG C 80 6.10 7.30 5.99
N GLY C 81 5.29 6.40 6.57
CA GLY C 81 4.01 6.82 7.13
C GLY C 81 4.18 7.70 8.36
N ASP C 82 5.27 7.51 9.09
CA ASP C 82 5.52 8.30 10.30
C ASP C 82 5.88 9.74 9.94
N GLU C 83 6.30 10.00 8.70
CA GLU C 83 6.73 11.33 8.32
C GLU C 83 5.71 12.10 7.48
N VAL C 84 4.50 11.58 7.30
CA VAL C 84 3.51 12.29 6.49
C VAL C 84 3.03 13.55 7.20
N ARG C 85 3.03 13.53 8.53
CA ARG C 85 2.56 14.68 9.29
C ARG C 85 3.54 15.85 9.19
N GLN C 86 4.82 15.56 9.02
CA GLN C 86 5.82 16.63 9.10
C GLN C 86 6.08 17.30 7.75
N ILE C 87 5.32 16.99 6.71
CA ILE C 87 5.42 17.80 5.50
C ILE C 87 4.41 18.94 5.51
N ALA C 88 3.76 19.15 6.65
CA ALA C 88 2.97 20.35 6.86
C ALA C 88 3.89 21.56 7.03
N PRO C 89 3.36 22.78 6.86
CA PRO C 89 4.17 23.96 7.19
C PRO C 89 4.48 24.04 8.67
N GLY C 90 5.59 24.70 8.98
CA GLY C 90 5.96 24.97 10.35
C GLY C 90 6.63 23.83 11.09
N GLN C 91 6.85 22.69 10.45
CA GLN C 91 7.51 21.57 11.08
C GLN C 91 8.78 21.24 10.32
N THR C 92 9.87 21.05 11.06
CA THR C 92 11.16 20.68 10.49
C THR C 92 11.65 19.39 11.13
N GLY C 93 11.95 18.42 10.28
CA GLY C 93 12.47 17.15 10.75
C GLY C 93 13.52 16.65 9.79
N LYS C 94 13.71 15.33 9.78
CA LYS C 94 14.70 14.74 8.89
C LYS C 94 14.26 14.84 7.43
N ILE C 95 12.94 14.82 7.20
CA ILE C 95 12.44 14.99 5.84
C ILE C 95 12.36 16.46 5.48
N ALA C 96 11.75 17.27 6.35
CA ALA C 96 11.28 18.60 5.96
C ALA C 96 12.34 19.68 6.02
N ASP C 97 13.63 19.35 6.07
CA ASP C 97 14.66 20.34 5.78
C ASP C 97 15.69 19.88 4.76
N TYR C 98 15.67 18.62 4.35
CA TYR C 98 16.63 18.10 3.40
C TYR C 98 16.03 17.68 2.07
N ASN C 99 14.74 17.33 2.05
CA ASN C 99 14.14 16.75 0.85
C ASN C 99 13.00 17.58 0.30
N TYR C 100 12.06 18.02 1.14
CA TYR C 100 10.90 18.74 0.65
C TYR C 100 10.36 19.59 1.80
N LYS C 101 10.51 20.91 1.69
CA LYS C 101 10.14 21.84 2.74
C LYS C 101 9.09 22.81 2.22
N LEU C 102 8.03 23.01 2.97
CA LEU C 102 6.98 23.89 2.50
C LEU C 102 7.15 25.30 3.08
N PRO C 103 6.70 26.32 2.36
CA PRO C 103 6.69 27.67 2.94
C PRO C 103 5.56 27.84 3.94
N ASP C 104 5.71 28.86 4.78
CA ASP C 104 4.78 29.07 5.89
C ASP C 104 3.42 29.58 5.43
N ASP C 105 3.31 30.09 4.21
CA ASP C 105 2.04 30.52 3.65
C ASP C 105 1.70 29.64 2.45
N PHE C 106 1.89 28.33 2.63
CA PHE C 106 1.53 27.36 1.61
C PHE C 106 0.02 27.32 1.45
N THR C 107 -0.44 27.45 0.20
CA THR C 107 -1.87 27.49 -0.12
C THR C 107 -2.19 26.24 -0.94
N GLY C 108 -2.78 25.25 -0.30
CA GLY C 108 -3.11 24.02 -0.99
C GLY C 108 -3.43 22.92 -0.01
N CYS C 109 -3.82 21.78 -0.56
CA CYS C 109 -4.17 20.61 0.23
C CYS C 109 -3.16 19.51 -0.02
N VAL C 110 -2.84 18.77 1.05
CA VAL C 110 -1.94 17.64 0.95
C VAL C 110 -2.75 16.34 1.06
N ILE C 111 -2.53 15.43 0.12
CA ILE C 111 -3.33 14.22 -0.03
C ILE C 111 -2.41 13.02 0.08
N ALA C 112 -2.77 12.06 0.93
CA ALA C 112 -1.92 10.90 1.13
C ALA C 112 -2.79 9.69 1.43
N TRP C 113 -2.23 8.51 1.22
CA TRP C 113 -2.93 7.26 1.53
C TRP C 113 -1.90 6.17 1.79
N ASN C 114 -2.40 5.00 2.16
CA ASN C 114 -1.55 3.86 2.44
C ASN C 114 -1.32 3.05 1.18
N SER C 115 -0.06 2.67 0.95
CA SER C 115 0.33 2.01 -0.29
C SER C 115 1.26 0.84 0.00
N ASN C 116 0.88 -0.02 0.94
CA ASN C 116 1.69 -1.21 1.22
C ASN C 116 1.53 -2.29 0.16
N ASN C 117 0.55 -2.16 -0.74
CA ASN C 117 0.31 -3.19 -1.75
C ASN C 117 1.42 -3.22 -2.78
N LEU C 118 1.76 -2.07 -3.35
CA LEU C 118 2.71 -2.03 -4.46
C LEU C 118 4.15 -2.08 -3.98
N ASP C 119 4.55 -1.10 -3.17
CA ASP C 119 5.96 -0.86 -2.89
C ASP C 119 6.42 -1.66 -1.66
N SER C 120 6.45 -2.97 -1.82
CA SER C 120 6.87 -3.84 -0.74
C SER C 120 7.40 -5.15 -1.32
N LYS C 121 8.55 -5.57 -0.80
CA LYS C 121 9.16 -6.85 -1.15
C LYS C 121 9.79 -7.42 0.10
N VAL C 122 9.77 -8.75 0.22
CA VAL C 122 10.17 -9.38 1.47
C VAL C 122 11.69 -9.32 1.66
N GLY C 123 12.44 -9.15 0.58
CA GLY C 123 13.87 -8.95 0.72
C GLY C 123 14.18 -7.48 0.88
N GLY C 124 13.27 -6.63 0.39
CA GLY C 124 13.42 -5.20 0.47
C GLY C 124 13.06 -4.51 -0.84
N ASN C 125 12.72 -3.23 -0.75
CA ASN C 125 12.48 -2.38 -1.91
C ASN C 125 13.47 -1.22 -1.78
N TYR C 126 14.67 -1.40 -2.33
CA TYR C 126 15.80 -0.53 -2.05
C TYR C 126 15.98 0.57 -3.07
N ASN C 127 14.89 1.10 -3.63
CA ASN C 127 15.03 2.08 -4.70
C ASN C 127 14.43 3.45 -4.38
N TYR C 128 13.63 3.57 -3.32
CA TYR C 128 13.20 4.89 -2.89
C TYR C 128 14.26 5.48 -1.97
N LEU C 129 14.75 6.66 -2.35
CA LEU C 129 15.94 7.24 -1.75
C LEU C 129 15.59 8.55 -1.06
N TYR C 130 16.24 8.81 0.07
CA TYR C 130 16.02 10.06 0.80
C TYR C 130 17.36 10.61 1.26
N ARG C 131 17.51 11.93 1.17
CA ARG C 131 18.77 12.61 1.41
C ARG C 131 18.97 12.74 2.91
N LEU C 132 19.87 11.94 3.46
CA LEU C 132 20.02 11.88 4.92
C LEU C 132 20.85 13.05 5.43
N PHE C 133 21.99 13.33 4.80
CA PHE C 133 22.90 14.38 5.25
C PHE C 133 22.97 15.49 4.23
N ARG C 134 23.00 16.73 4.71
CA ARG C 134 23.24 17.89 3.87
C ARG C 134 24.22 18.81 4.57
N LYS C 135 24.84 19.71 3.80
CA LYS C 135 25.76 20.68 4.37
C LYS C 135 25.02 21.72 5.20
N SER C 136 23.93 22.26 4.66
CA SER C 136 23.09 23.20 5.37
C SER C 136 21.63 22.89 5.05
N ASN C 137 20.72 23.66 5.65
CA ASN C 137 19.30 23.44 5.43
C ASN C 137 18.87 24.01 4.08
N LEU C 138 17.58 23.84 3.79
CA LEU C 138 17.05 24.10 2.46
C LEU C 138 15.92 25.13 2.53
N LYS C 139 15.82 25.94 1.48
CA LYS C 139 14.84 26.96 1.12
C LYS C 139 13.65 26.28 0.45
N PRO C 140 12.42 26.71 0.74
CA PRO C 140 11.25 25.93 0.31
C PRO C 140 11.05 25.89 -1.20
N PHE C 141 10.36 24.82 -1.65
CA PHE C 141 10.08 24.53 -3.05
C PHE C 141 11.34 24.44 -3.90
N GLU C 142 12.33 23.71 -3.40
CA GLU C 142 13.59 23.54 -4.13
C GLU C 142 14.13 22.13 -3.93
N ARG C 143 14.66 21.56 -5.01
CA ARG C 143 15.19 20.21 -5.05
C ARG C 143 16.67 20.26 -5.44
N ASP C 144 17.38 19.17 -5.19
CA ASP C 144 18.79 19.08 -5.59
C ASP C 144 19.15 17.60 -5.74
N ILE C 145 19.32 17.16 -6.99
CA ILE C 145 19.82 15.81 -7.28
C ILE C 145 21.33 15.93 -7.38
N SER C 146 21.98 15.91 -6.23
CA SER C 146 23.44 15.99 -6.15
C SER C 146 23.93 14.81 -5.32
N THR C 147 24.28 13.73 -5.99
CA THR C 147 24.73 12.51 -5.33
C THR C 147 26.25 12.48 -5.15
N GLU C 148 26.80 13.54 -4.57
CA GLU C 148 28.22 13.62 -4.28
C GLU C 148 28.45 13.39 -2.78
N ILE C 149 29.70 13.08 -2.43
CA ILE C 149 30.01 12.68 -1.06
C ILE C 149 29.97 13.89 -0.14
N TYR C 150 29.38 13.70 1.04
CA TYR C 150 29.27 14.77 2.04
C TYR C 150 30.62 15.06 2.67
N TYR C 166 31.05 9.52 3.12
CA TYR C 166 29.69 9.69 3.62
C TYR C 166 28.72 9.88 2.46
N PHE C 167 28.19 8.78 1.97
CA PHE C 167 27.25 8.82 0.87
C PHE C 167 25.87 9.23 1.41
N PRO C 168 25.29 10.32 0.94
CA PRO C 168 24.09 10.86 1.62
C PRO C 168 22.78 10.18 1.23
N LEU C 169 22.66 9.64 0.03
CA LEU C 169 21.38 9.10 -0.45
C LEU C 169 21.24 7.66 0.02
N GLN C 170 20.79 7.49 1.25
CA GLN C 170 20.41 6.17 1.74
C GLN C 170 19.00 5.87 1.27
N SER C 171 18.70 4.58 1.09
CA SER C 171 17.38 4.16 0.68
C SER C 171 16.52 3.76 1.88
N TYR C 172 15.21 3.92 1.72
CA TYR C 172 14.27 3.35 2.67
C TYR C 172 14.36 1.84 2.62
N GLY C 173 14.51 1.20 3.78
CA GLY C 173 14.42 -0.24 3.83
C GLY C 173 12.98 -0.65 4.00
N PHE C 174 12.29 -0.93 2.90
CA PHE C 174 10.86 -1.22 2.92
C PHE C 174 10.62 -2.72 2.94
N GLN C 175 9.49 -3.11 3.52
CA GLN C 175 9.12 -4.50 3.70
C GLN C 175 7.62 -4.56 3.85
N PRO C 176 6.98 -5.69 3.51
CA PRO C 176 5.53 -5.78 3.73
C PRO C 176 5.15 -5.87 5.19
N THR C 177 6.04 -6.38 6.04
CA THR C 177 5.81 -6.47 7.48
C THR C 177 6.90 -5.68 8.19
N ASN C 178 6.68 -4.38 8.33
CA ASN C 178 7.71 -3.53 8.92
C ASN C 178 7.13 -2.56 9.93
N GLY C 179 5.85 -2.24 9.78
CA GLY C 179 5.23 -1.25 10.64
C GLY C 179 4.30 -0.33 9.89
N VAL C 180 3.20 0.07 10.51
CA VAL C 180 2.16 0.83 9.83
C VAL C 180 2.63 2.27 9.69
N GLY C 181 3.66 2.64 10.44
CA GLY C 181 4.29 3.92 10.26
C GLY C 181 5.47 3.82 9.32
N TYR C 182 5.88 2.59 8.98
CA TYR C 182 6.97 2.38 8.04
C TYR C 182 6.51 1.74 6.73
N GLN C 183 5.23 1.70 6.47
CA GLN C 183 4.80 1.36 5.13
C GLN C 183 4.91 2.59 4.24
N PRO C 184 5.12 2.42 2.93
CA PRO C 184 5.23 3.60 2.06
C PRO C 184 3.88 4.26 1.86
N TYR C 185 3.85 5.57 2.11
CA TYR C 185 2.62 6.36 2.01
C TYR C 185 2.79 7.31 0.83
N ARG C 186 2.22 6.94 -0.30
CA ARG C 186 2.35 7.74 -1.52
C ARG C 186 1.52 9.01 -1.38
N VAL C 187 2.19 10.16 -1.30
CA VAL C 187 1.56 11.44 -1.04
C VAL C 187 1.72 12.34 -2.26
N VAL C 188 0.61 12.91 -2.72
CA VAL C 188 0.62 13.95 -3.74
C VAL C 188 0.27 15.26 -3.05
N VAL C 189 1.05 16.29 -3.31
CA VAL C 189 0.90 17.58 -2.65
C VAL C 189 0.44 18.58 -3.70
N LEU C 190 -0.82 19.00 -3.62
CA LEU C 190 -1.27 20.11 -4.42
C LEU C 190 -0.64 21.41 -3.91
N SER C 191 -0.63 22.43 -4.77
CA SER C 191 -0.12 23.74 -4.39
C SER C 191 -0.85 24.78 -5.23
N PHE C 192 -1.91 25.36 -4.68
CA PHE C 192 -2.63 26.40 -5.39
C PHE C 192 -1.81 27.69 -5.42
N GLU C 193 -2.08 28.52 -6.43
CA GLU C 193 -1.31 29.74 -6.65
C GLU C 193 -2.12 30.67 -7.52
N LEU C 194 -2.22 31.93 -7.11
CA LEU C 194 -2.96 32.95 -7.87
C LEU C 194 -2.04 34.15 -8.06
N LEU C 195 -1.71 34.44 -9.31
CA LEU C 195 -0.86 35.57 -9.66
C LEU C 195 -1.64 36.55 -10.52
N HIS C 196 -0.94 37.59 -10.98
CA HIS C 196 -1.54 38.62 -11.83
C HIS C 196 -1.65 38.07 -13.25
N ALA C 197 -2.68 37.24 -13.45
CA ALA C 197 -2.93 36.56 -14.71
C ALA C 197 -4.39 36.14 -14.73
N PRO C 198 -4.99 35.99 -15.91
CA PRO C 198 -6.40 35.54 -15.97
C PRO C 198 -6.54 34.12 -15.47
N ALA C 199 -7.29 33.96 -14.39
CA ALA C 199 -7.51 32.66 -13.78
C ALA C 199 -8.38 31.78 -14.67
N THR C 200 -8.00 30.51 -14.78
CA THR C 200 -8.70 29.57 -15.65
C THR C 200 -9.37 28.42 -14.91
N VAL C 201 -8.68 27.81 -13.94
CA VAL C 201 -9.17 26.57 -13.33
C VAL C 201 -10.25 26.86 -12.28
N CYS C 202 -11.51 26.78 -12.70
CA CYS C 202 -12.63 27.14 -11.84
C CYS C 202 -13.52 25.96 -11.52
N GLY C 203 -14.07 25.29 -12.53
CA GLY C 203 -14.95 24.15 -12.29
C GLY C 203 -16.34 24.53 -11.86
N ASP D 1 -8.26 6.45 -19.20
CA ASP D 1 -7.16 5.51 -19.43
C ASP D 1 -6.62 5.63 -20.85
N ILE D 2 -5.39 5.18 -21.03
CA ILE D 2 -4.78 5.19 -22.36
C ILE D 2 -5.43 4.10 -23.21
N VAL D 3 -5.60 4.38 -24.49
CA VAL D 3 -5.82 3.34 -25.48
C VAL D 3 -4.64 3.40 -26.45
N LEU D 4 -4.26 2.22 -26.96
CA LEU D 4 -3.06 2.07 -27.77
C LEU D 4 -3.47 1.62 -29.16
N THR D 5 -3.14 2.42 -30.17
CA THR D 5 -3.48 2.12 -31.55
C THR D 5 -2.23 1.67 -32.30
N GLN D 6 -2.30 0.48 -32.88
CA GLN D 6 -1.25 -0.01 -33.77
C GLN D 6 -1.67 0.23 -35.20
N SER D 7 -0.71 0.59 -36.05
CA SER D 7 -1.04 0.82 -37.45
C SER D 7 0.12 0.37 -38.33
N PRO D 8 -0.16 -0.28 -39.48
CA PRO D 8 -1.50 -0.65 -39.97
C PRO D 8 -1.99 -1.96 -39.37
N ALA D 9 -3.14 -2.44 -39.85
CA ALA D 9 -3.75 -3.64 -39.27
C ALA D 9 -3.06 -4.92 -39.71
N THR D 10 -2.38 -4.90 -40.86
CA THR D 10 -1.71 -6.09 -41.35
C THR D 10 -0.52 -5.69 -42.20
N LEU D 11 0.38 -6.65 -42.40
CA LEU D 11 1.59 -6.45 -43.19
C LEU D 11 1.72 -7.56 -44.23
N SER D 12 2.66 -7.36 -45.15
CA SER D 12 2.91 -8.35 -46.21
C SER D 12 4.38 -8.23 -46.60
N VAL D 13 5.20 -9.12 -46.04
CA VAL D 13 6.65 -9.01 -46.14
C VAL D 13 7.18 -10.26 -46.85
N THR D 14 8.33 -10.10 -47.50
CA THR D 14 9.12 -11.22 -48.00
C THR D 14 10.27 -11.48 -47.05
N PRO D 15 10.74 -12.73 -46.91
CA PRO D 15 11.80 -13.04 -45.94
C PRO D 15 13.14 -12.41 -46.32
N GLY D 16 13.67 -11.60 -45.42
CA GLY D 16 14.92 -10.91 -45.64
C GLY D 16 14.82 -9.40 -45.66
N ASP D 17 13.64 -8.84 -45.44
CA ASP D 17 13.41 -7.41 -45.54
C ASP D 17 13.53 -6.73 -44.18
N ASN D 18 13.77 -5.41 -44.22
CA ASN D 18 13.90 -4.58 -43.03
C ASN D 18 12.66 -3.69 -42.95
N VAL D 19 11.63 -4.17 -42.25
CA VAL D 19 10.36 -3.46 -42.13
C VAL D 19 10.10 -3.20 -40.65
N SER D 20 9.67 -1.99 -40.32
CA SER D 20 9.38 -1.58 -38.96
C SER D 20 7.88 -1.48 -38.73
N LEU D 21 7.50 -1.36 -37.46
CA LEU D 21 6.11 -1.36 -37.03
C LEU D 21 5.84 -0.08 -36.23
N SER D 22 4.57 0.18 -35.93
CA SER D 22 4.17 1.44 -35.32
C SER D 22 3.14 1.22 -34.22
N CYS D 23 3.40 1.79 -33.04
CA CYS D 23 2.48 1.77 -31.91
C CYS D 23 2.44 3.18 -31.33
N ARG D 24 1.30 3.85 -31.47
CA ARG D 24 1.12 5.21 -30.98
C ARG D 24 0.09 5.25 -29.86
N ALA D 25 0.22 6.25 -28.99
CA ALA D 25 -0.56 6.33 -27.77
C ALA D 25 -1.49 7.54 -27.81
N SER D 26 -2.22 7.72 -26.71
CA SER D 26 -3.07 8.90 -26.51
C SER D 26 -2.67 9.72 -25.29
N GLN D 27 -1.71 9.26 -24.50
CA GLN D 27 -1.04 10.03 -23.46
C GLN D 27 0.46 9.94 -23.68
N ILE D 28 1.20 10.83 -23.04
CA ILE D 28 2.64 10.89 -23.17
C ILE D 28 3.25 10.20 -21.95
N ILE D 29 3.96 9.10 -22.20
CA ILE D 29 4.54 8.28 -21.14
C ILE D 29 6.05 8.32 -21.25
N SER D 30 6.72 8.18 -20.10
CA SER D 30 8.18 8.23 -20.05
C SER D 30 8.74 6.83 -20.27
N ASN D 31 8.82 6.46 -21.56
CA ASN D 31 9.33 5.20 -22.12
C ASN D 31 8.90 3.93 -21.37
N ASN D 32 7.65 3.91 -20.92
CA ASN D 32 7.13 2.78 -20.15
C ASN D 32 6.32 1.83 -21.01
N LEU D 33 6.70 1.65 -22.26
CA LEU D 33 6.03 0.75 -23.18
C LEU D 33 6.87 -0.50 -23.37
N HIS D 34 6.22 -1.66 -23.39
CA HIS D 34 6.86 -2.92 -23.69
C HIS D 34 6.33 -3.46 -25.01
N TRP D 35 6.80 -4.63 -25.41
CA TRP D 35 6.48 -5.18 -26.72
C TRP D 35 6.35 -6.69 -26.64
N TYR D 36 5.19 -7.21 -27.06
CA TYR D 36 4.92 -8.64 -27.00
C TYR D 36 4.65 -9.19 -28.39
N GLN D 37 4.91 -10.50 -28.55
CA GLN D 37 4.68 -11.20 -29.80
C GLN D 37 3.98 -12.52 -29.50
N GLN D 38 2.81 -12.71 -30.09
CA GLN D 38 2.01 -13.91 -29.89
C GLN D 38 1.81 -14.61 -31.22
N LYS D 39 2.10 -15.90 -31.25
CA LYS D 39 1.79 -16.73 -32.41
C LYS D 39 0.36 -17.24 -32.27
N SER D 40 0.00 -18.25 -33.07
CA SER D 40 -1.37 -18.71 -33.11
C SER D 40 -1.70 -19.58 -31.90
N HIS D 41 -2.77 -19.20 -31.19
CA HIS D 41 -3.43 -19.94 -30.10
C HIS D 41 -2.47 -20.45 -29.02
N GLU D 42 -1.53 -19.59 -28.64
CA GLU D 42 -0.61 -19.92 -27.55
C GLU D 42 -0.25 -18.63 -26.81
N SER D 43 0.71 -18.72 -25.92
CA SER D 43 1.05 -17.62 -25.02
C SER D 43 2.05 -16.67 -25.67
N PRO D 44 1.92 -15.37 -25.47
CA PRO D 44 2.91 -14.42 -25.97
C PRO D 44 4.15 -14.40 -25.09
N ARG D 45 5.23 -13.87 -25.66
CA ARG D 45 6.49 -13.71 -24.96
C ARG D 45 6.89 -12.24 -24.93
N LEU D 46 7.85 -11.93 -24.07
CA LEU D 46 8.41 -10.58 -24.03
C LEU D 46 9.57 -10.50 -25.00
N LEU D 47 9.62 -9.39 -25.76
CA LEU D 47 10.70 -9.13 -26.68
C LEU D 47 11.69 -8.10 -26.13
N ILE D 48 11.20 -6.91 -25.79
CA ILE D 48 12.03 -5.83 -25.28
C ILE D 48 11.28 -5.15 -24.15
N LYS D 49 12.02 -4.57 -23.22
CA LYS D 49 11.42 -3.90 -22.07
C LYS D 49 11.80 -2.43 -22.08
N TYR D 50 10.84 -1.59 -21.66
CA TYR D 50 10.98 -0.13 -21.52
C TYR D 50 11.31 0.55 -22.84
N ALA D 51 10.93 -0.06 -23.96
CA ALA D 51 10.98 0.42 -25.34
C ALA D 51 12.37 0.64 -25.89
N SER D 52 13.44 0.46 -25.10
CA SER D 52 14.79 0.57 -25.63
C SER D 52 15.74 -0.54 -25.21
N GLN D 53 15.55 -1.17 -24.07
CA GLN D 53 16.46 -2.20 -23.59
C GLN D 53 16.04 -3.54 -24.16
N SER D 54 16.78 -4.60 -23.80
CA SER D 54 16.45 -5.93 -24.28
C SER D 54 16.92 -6.96 -23.26
N ILE D 55 16.30 -8.14 -23.32
CA ILE D 55 16.62 -9.22 -22.37
C ILE D 55 17.25 -10.38 -23.12
N SER D 56 17.66 -11.40 -22.39
CA SER D 56 18.32 -12.55 -22.98
C SER D 56 17.32 -13.43 -23.75
N GLY D 57 17.86 -14.32 -24.57
CA GLY D 57 17.07 -15.25 -25.34
C GLY D 57 16.40 -14.67 -26.57
N ILE D 58 16.69 -13.42 -26.89
CA ILE D 58 16.01 -12.72 -27.99
C ILE D 58 16.95 -12.62 -29.18
N PRO D 59 16.47 -12.83 -30.41
CA PRO D 59 17.30 -12.59 -31.59
C PRO D 59 17.67 -11.11 -31.73
N SER D 60 18.81 -10.88 -32.39
CA SER D 60 19.47 -9.58 -32.40
C SER D 60 18.73 -8.52 -33.20
N ARG D 61 17.91 -8.92 -34.18
CA ARG D 61 17.21 -7.94 -35.00
C ARG D 61 16.02 -7.31 -34.29
N PHE D 62 15.64 -7.82 -33.12
CA PHE D 62 14.48 -7.32 -32.38
C PHE D 62 14.97 -6.26 -31.40
N SER D 63 14.93 -5.00 -31.85
CA SER D 63 15.35 -3.88 -31.02
C SER D 63 14.41 -2.71 -31.29
N GLY D 64 14.09 -1.97 -30.25
CA GLY D 64 13.23 -0.82 -30.38
C GLY D 64 13.86 0.43 -29.84
N SER D 65 13.41 1.59 -30.31
CA SER D 65 13.96 2.86 -29.85
C SER D 65 12.86 3.91 -29.86
N GLY D 66 13.17 5.06 -29.27
CA GLY D 66 12.25 6.18 -29.28
C GLY D 66 11.37 6.25 -28.05
N SER D 67 11.29 7.44 -27.46
CA SER D 67 10.42 7.66 -26.32
C SER D 67 9.40 8.74 -26.65
N GLY D 68 8.61 9.16 -25.68
CA GLY D 68 7.63 10.20 -25.91
C GLY D 68 6.22 9.67 -26.00
N THR D 69 5.61 9.77 -27.18
CA THR D 69 4.28 9.23 -27.39
C THR D 69 4.13 8.41 -28.67
N ASP D 70 5.12 8.40 -29.55
CA ASP D 70 5.11 7.57 -30.75
C ASP D 70 6.33 6.66 -30.73
N PHE D 71 6.08 5.37 -30.83
CA PHE D 71 7.13 4.36 -30.65
C PHE D 71 7.11 3.39 -31.81
N THR D 72 8.28 2.93 -32.22
CA THR D 72 8.42 2.06 -33.38
C THR D 72 9.28 0.86 -33.02
N LEU D 73 8.81 -0.32 -33.39
CA LEU D 73 9.57 -1.56 -33.23
C LEU D 73 10.24 -1.87 -34.56
N SER D 74 11.56 -2.04 -34.52
CA SER D 74 12.39 -2.20 -35.72
C SER D 74 12.93 -3.62 -35.76
N ILE D 75 12.60 -4.34 -36.83
CA ILE D 75 13.21 -5.63 -37.14
C ILE D 75 13.75 -5.58 -38.56
N ASN D 76 14.97 -6.06 -38.73
CA ASN D 76 15.67 -6.02 -40.01
C ASN D 76 16.09 -7.43 -40.41
N SER D 77 15.85 -7.76 -41.68
CA SER D 77 16.17 -9.06 -42.30
C SER D 77 15.49 -10.20 -41.55
N VAL D 78 14.15 -10.19 -41.64
CA VAL D 78 13.31 -11.03 -40.81
C VAL D 78 13.49 -12.52 -41.14
N GLU D 79 12.99 -13.36 -40.24
CA GLU D 79 13.17 -14.80 -40.34
C GLU D 79 11.82 -15.41 -40.71
N THR D 80 11.79 -16.67 -41.11
CA THR D 80 10.56 -17.35 -41.52
C THR D 80 9.77 -17.90 -40.35
N GLU D 81 10.06 -17.47 -39.13
CA GLU D 81 9.27 -17.86 -37.98
C GLU D 81 8.88 -16.68 -37.12
N ASP D 82 9.35 -15.48 -37.44
CA ASP D 82 9.03 -14.29 -36.66
C ASP D 82 7.64 -13.74 -36.93
N PHE D 83 6.91 -14.31 -37.89
CA PHE D 83 5.59 -13.80 -38.23
C PHE D 83 4.57 -14.20 -37.18
N GLY D 84 3.50 -13.44 -37.12
CA GLY D 84 2.43 -13.69 -36.17
C GLY D 84 1.78 -12.38 -35.74
N MET D 85 1.25 -12.38 -34.53
CA MET D 85 0.60 -11.21 -33.96
C MET D 85 1.54 -10.52 -32.98
N TYR D 86 1.60 -9.19 -33.05
CA TYR D 86 2.52 -8.40 -32.25
C TYR D 86 1.75 -7.39 -31.41
N PHE D 87 2.19 -7.22 -30.16
CA PHE D 87 1.45 -6.47 -29.17
C PHE D 87 2.34 -5.46 -28.47
N CYS D 88 1.77 -4.30 -28.13
CA CYS D 88 2.42 -3.30 -27.30
C CYS D 88 1.49 -2.94 -26.15
N GLN D 89 2.03 -2.96 -24.93
CA GLN D 89 1.26 -2.58 -23.76
C GLN D 89 2.08 -1.63 -22.90
N GLN D 90 1.40 -0.63 -22.35
CA GLN D 90 2.06 0.38 -21.56
C GLN D 90 1.97 0.06 -20.08
N SER D 91 2.80 0.75 -19.28
CA SER D 91 2.91 0.44 -17.87
C SER D 91 3.03 1.69 -17.01
N ASN D 92 2.49 2.82 -17.45
CA ASN D 92 2.64 4.05 -16.69
C ASN D 92 1.45 4.31 -15.77
N THR D 93 0.26 4.46 -16.35
CA THR D 93 -0.93 4.74 -15.58
C THR D 93 -1.76 3.47 -15.40
N TRP D 94 -2.83 3.62 -14.70
CA TRP D 94 -3.68 2.46 -14.47
C TRP D 94 -5.04 2.67 -15.12
N PRO D 95 -5.71 1.61 -15.61
CA PRO D 95 -5.29 0.21 -15.65
C PRO D 95 -4.36 -0.09 -16.80
N LEU D 96 -3.60 -1.17 -16.69
CA LEU D 96 -2.73 -1.60 -17.77
C LEU D 96 -3.56 -2.04 -18.96
N THR D 97 -3.06 -1.76 -20.16
CA THR D 97 -3.82 -2.09 -21.36
C THR D 97 -2.89 -2.37 -22.53
N CYS D 98 -3.30 -3.28 -23.40
CA CYS D 98 -2.52 -3.67 -24.56
C CYS D 98 -3.09 -3.06 -25.82
N GLY D 99 -2.27 -3.06 -26.87
CA GLY D 99 -2.71 -2.56 -28.15
C GLY D 99 -3.71 -3.47 -28.83
N SER D 100 -4.29 -2.96 -29.92
CA SER D 100 -5.30 -3.71 -30.64
C SER D 100 -4.70 -4.91 -31.36
N GLY D 101 -3.59 -4.72 -32.05
CA GLY D 101 -2.90 -5.84 -32.62
C GLY D 101 -2.66 -5.67 -34.12
N THR D 102 -1.50 -6.17 -34.56
CA THR D 102 -1.16 -6.26 -35.97
C THR D 102 -0.88 -7.71 -36.31
N LYS D 103 -0.89 -8.02 -37.61
CA LYS D 103 -0.58 -9.35 -38.09
C LYS D 103 0.60 -9.27 -39.04
N LEU D 104 1.71 -9.88 -38.66
CA LEU D 104 2.88 -10.01 -39.52
C LEU D 104 2.64 -11.20 -40.44
N GLU D 105 2.49 -10.94 -41.73
CA GLU D 105 2.23 -11.99 -42.70
C GLU D 105 3.36 -12.04 -43.73
N LEU D 106 3.74 -13.26 -44.10
CA LEU D 106 4.82 -13.49 -45.05
C LEU D 106 4.27 -13.72 -46.44
N ASN D 107 4.71 -12.90 -47.39
CA ASN D 107 4.36 -13.12 -48.80
C ASN D 107 5.14 -14.31 -49.34
N GLN E 1 14.28 -24.62 -14.08
CA GLN E 1 13.23 -24.06 -14.92
C GLN E 1 12.31 -23.16 -14.11
N ILE E 2 11.65 -22.22 -14.79
CA ILE E 2 10.70 -21.31 -14.17
C ILE E 2 9.47 -21.29 -15.08
N GLN E 3 8.33 -21.74 -14.57
CA GLN E 3 7.13 -21.79 -15.37
C GLN E 3 5.91 -21.63 -14.48
N LEU E 4 4.77 -21.36 -15.11
CA LEU E 4 3.49 -21.21 -14.45
C LEU E 4 2.53 -22.24 -15.04
N VAL E 5 2.50 -23.43 -14.43
CA VAL E 5 1.63 -24.50 -14.91
C VAL E 5 0.19 -24.15 -14.60
N GLN E 6 -0.69 -24.40 -15.57
CA GLN E 6 -2.08 -23.96 -15.51
C GLN E 6 -3.03 -25.16 -15.41
N SER E 7 -4.32 -24.86 -15.45
CA SER E 7 -5.36 -25.88 -15.44
C SER E 7 -5.68 -26.30 -16.87
N GLY E 8 -6.75 -27.07 -17.04
CA GLY E 8 -7.16 -27.52 -18.35
C GLY E 8 -8.36 -26.75 -18.86
N PRO E 9 -8.88 -27.15 -20.02
CA PRO E 9 -10.04 -26.45 -20.58
C PRO E 9 -11.32 -26.75 -19.81
N GLU E 10 -12.30 -25.88 -20.00
CA GLU E 10 -13.59 -25.98 -19.33
C GLU E 10 -14.71 -25.89 -20.35
N LEU E 11 -15.92 -26.26 -19.91
CA LEU E 11 -17.13 -26.11 -20.72
C LEU E 11 -18.29 -26.02 -19.76
N LYS E 12 -18.87 -24.83 -19.63
CA LYS E 12 -19.94 -24.58 -18.67
C LYS E 12 -21.19 -24.08 -19.39
N LYS E 13 -22.27 -23.97 -18.62
CA LYS E 13 -23.54 -23.42 -19.05
C LYS E 13 -23.80 -22.11 -18.31
N PRO E 14 -24.53 -21.16 -18.91
CA PRO E 14 -24.70 -19.83 -18.31
C PRO E 14 -25.46 -19.88 -16.99
N GLY E 15 -24.76 -19.57 -15.90
CA GLY E 15 -25.33 -19.63 -14.56
C GLY E 15 -24.41 -20.34 -13.60
N GLU E 16 -23.31 -20.89 -14.11
CA GLU E 16 -22.38 -21.66 -13.31
C GLU E 16 -21.23 -20.78 -12.81
N THR E 17 -20.28 -21.42 -12.14
CA THR E 17 -19.12 -20.75 -11.57
C THR E 17 -17.89 -21.62 -11.78
N VAL E 18 -16.85 -21.03 -12.37
CA VAL E 18 -15.64 -21.77 -12.74
C VAL E 18 -14.55 -21.40 -11.74
N LYS E 19 -13.56 -22.29 -11.62
CA LYS E 19 -12.39 -22.06 -10.79
C LYS E 19 -11.16 -22.49 -11.58
N ILE E 20 -10.39 -21.52 -12.04
CA ILE E 20 -9.20 -21.77 -12.87
C ILE E 20 -7.98 -21.60 -12.00
N SER E 21 -7.14 -22.62 -11.95
CA SER E 21 -5.94 -22.58 -11.13
C SER E 21 -4.74 -22.11 -11.95
N CYS E 22 -3.71 -21.68 -11.22
CA CYS E 22 -2.45 -21.26 -11.85
C CYS E 22 -1.35 -21.44 -10.81
N LYS E 23 -0.58 -22.51 -10.96
CA LYS E 23 0.44 -22.89 -9.98
C LYS E 23 1.82 -22.45 -10.46
N ALA E 24 2.59 -21.82 -9.58
CA ALA E 24 3.93 -21.35 -9.88
C ALA E 24 4.96 -22.33 -9.35
N SER E 25 6.20 -22.15 -9.81
CA SER E 25 7.30 -23.03 -9.43
C SER E 25 8.62 -22.33 -9.69
N GLY E 26 9.68 -22.82 -9.05
CA GLY E 26 11.02 -22.37 -9.32
C GLY E 26 11.41 -21.09 -8.58
N TYR E 27 10.91 -19.96 -9.05
CA TYR E 27 11.19 -18.68 -8.41
C TYR E 27 10.42 -18.58 -7.10
N THR E 28 10.97 -17.81 -6.16
CA THR E 28 10.29 -17.59 -4.89
C THR E 28 9.05 -16.72 -5.11
N PHE E 29 7.94 -17.13 -4.49
CA PHE E 29 6.63 -16.62 -4.88
C PHE E 29 6.38 -15.20 -4.38
N THR E 30 7.21 -14.72 -3.47
CA THR E 30 6.92 -13.44 -2.82
C THR E 30 7.46 -12.25 -3.61
N ASP E 31 8.44 -12.47 -4.49
CA ASP E 31 9.07 -11.34 -5.16
C ASP E 31 8.20 -10.79 -6.28
N TYR E 32 7.37 -11.63 -6.89
CA TYR E 32 6.62 -11.22 -8.07
C TYR E 32 5.16 -11.58 -7.91
N GLY E 33 4.27 -10.62 -8.17
CA GLY E 33 2.86 -10.91 -8.15
C GLY E 33 2.40 -11.62 -9.40
N LEU E 34 1.11 -11.90 -9.47
CA LEU E 34 0.55 -12.53 -10.66
C LEU E 34 -0.50 -11.63 -11.30
N ASN E 35 -0.87 -11.98 -12.53
CA ASN E 35 -1.82 -11.22 -13.32
C ASN E 35 -2.81 -12.17 -13.97
N TRP E 36 -3.78 -11.60 -14.68
CA TRP E 36 -4.73 -12.37 -15.48
C TRP E 36 -5.04 -11.59 -16.74
N VAL E 37 -5.09 -12.29 -17.87
CA VAL E 37 -5.27 -11.67 -19.18
C VAL E 37 -6.37 -12.42 -19.92
N LYS E 38 -7.38 -11.69 -20.40
CA LYS E 38 -8.50 -12.26 -21.12
C LYS E 38 -8.36 -11.93 -22.60
N GLN E 39 -8.10 -12.96 -23.42
CA GLN E 39 -7.92 -12.78 -24.86
C GLN E 39 -9.16 -13.28 -25.56
N ALA E 40 -10.07 -12.35 -25.87
CA ALA E 40 -11.22 -12.65 -26.71
C ALA E 40 -10.75 -13.05 -28.10
N PRO E 41 -11.48 -13.94 -28.79
CA PRO E 41 -10.97 -14.49 -30.05
C PRO E 41 -10.92 -13.46 -31.16
N GLY E 42 -9.75 -13.33 -31.78
CA GLY E 42 -9.54 -12.32 -32.81
C GLY E 42 -9.56 -10.91 -32.26
N LYS E 43 -9.16 -10.74 -31.00
CA LYS E 43 -9.21 -9.44 -30.35
C LYS E 43 -7.88 -9.18 -29.66
N GLY E 44 -7.78 -8.00 -29.05
CA GLY E 44 -6.63 -7.69 -28.25
C GLY E 44 -6.78 -8.20 -26.83
N LEU E 45 -5.69 -8.12 -26.08
CA LEU E 45 -5.71 -8.55 -24.69
C LEU E 45 -6.36 -7.51 -23.80
N LYS E 46 -6.75 -7.93 -22.60
CA LYS E 46 -7.23 -7.04 -21.56
C LYS E 46 -6.66 -7.48 -20.24
N TRP E 47 -6.21 -6.52 -19.44
CA TRP E 47 -5.58 -6.80 -18.15
C TRP E 47 -6.68 -6.88 -17.09
N MET E 48 -6.86 -8.06 -16.52
CA MET E 48 -7.95 -8.30 -15.58
C MET E 48 -7.61 -7.89 -14.15
N GLY E 49 -6.51 -7.21 -13.92
CA GLY E 49 -6.13 -6.81 -12.58
C GLY E 49 -5.16 -7.81 -11.96
N TRP E 50 -4.35 -7.30 -11.04
CA TRP E 50 -3.28 -8.07 -10.46
C TRP E 50 -3.66 -8.55 -9.07
N ILE E 51 -2.73 -9.27 -8.44
CA ILE E 51 -2.91 -9.81 -7.10
C ILE E 51 -1.60 -9.69 -6.36
N ASN E 52 -1.62 -9.11 -5.16
CA ASN E 52 -0.43 -9.04 -4.32
C ASN E 52 -0.09 -10.44 -3.84
N THR E 53 1.11 -10.90 -4.17
CA THR E 53 1.47 -12.30 -3.98
C THR E 53 1.72 -12.67 -2.53
N TYR E 54 1.95 -11.70 -1.64
CA TYR E 54 2.22 -12.01 -0.25
C TYR E 54 0.95 -11.95 0.60
N SER E 55 0.29 -10.79 0.63
CA SER E 55 -0.83 -10.61 1.54
C SER E 55 -2.07 -11.34 1.05
N GLY E 56 -2.35 -11.30 -0.25
CA GLY E 56 -3.51 -11.94 -0.81
C GLY E 56 -4.61 -11.01 -1.22
N GLU E 57 -4.40 -9.71 -1.17
CA GLU E 57 -5.43 -8.77 -1.58
C GLU E 57 -5.40 -8.59 -3.10
N PRO E 58 -6.52 -8.70 -3.78
CA PRO E 58 -6.56 -8.45 -5.22
C PRO E 58 -6.66 -6.95 -5.49
N THR E 59 -6.65 -6.61 -6.78
CA THR E 59 -6.92 -5.25 -7.24
C THR E 59 -7.48 -5.38 -8.65
N TYR E 60 -8.80 -5.28 -8.78
CA TYR E 60 -9.42 -5.56 -10.07
C TYR E 60 -9.28 -4.37 -11.01
N ASN E 61 -9.57 -4.61 -12.28
CA ASN E 61 -9.72 -3.54 -13.25
C ASN E 61 -11.02 -2.79 -12.99
N ASP E 62 -11.19 -1.66 -13.69
CA ASP E 62 -12.40 -0.88 -13.54
C ASP E 62 -13.55 -1.43 -14.35
N GLU E 63 -13.29 -2.42 -15.21
CA GLU E 63 -14.32 -3.04 -16.03
C GLU E 63 -14.76 -4.40 -15.50
N PHE E 64 -13.86 -5.15 -14.88
CA PHE E 64 -14.20 -6.43 -14.24
C PHE E 64 -14.45 -6.22 -12.75
N ARG E 65 -15.40 -5.34 -12.43
CA ARG E 65 -15.60 -4.95 -11.04
C ARG E 65 -16.32 -6.02 -10.25
N GLY E 66 -17.55 -6.33 -10.64
CA GLY E 66 -18.28 -7.44 -10.05
C GLY E 66 -18.01 -8.73 -10.80
N ARG E 67 -18.57 -9.82 -10.27
CA ARG E 67 -18.57 -11.16 -10.87
C ARG E 67 -17.17 -11.73 -11.06
N PHE E 68 -16.19 -11.29 -10.27
CA PHE E 68 -14.84 -11.85 -10.33
C PHE E 68 -14.24 -11.84 -8.94
N ALA E 69 -13.27 -12.73 -8.73
CA ALA E 69 -12.58 -12.83 -7.45
C ALA E 69 -11.22 -13.48 -7.68
N PHE E 70 -10.20 -12.97 -7.00
CA PHE E 70 -8.84 -13.49 -7.13
C PHE E 70 -8.47 -14.14 -5.81
N SER E 71 -8.84 -15.40 -5.64
CA SER E 71 -8.49 -16.08 -4.40
C SER E 71 -7.03 -16.53 -4.45
N LEU E 72 -6.50 -16.83 -3.26
CA LEU E 72 -5.12 -17.25 -3.11
C LEU E 72 -4.88 -17.91 -1.75
N GLU E 73 -4.26 -19.09 -1.75
CA GLU E 73 -3.69 -19.65 -0.54
C GLU E 73 -2.21 -19.91 -0.80
N THR E 74 -1.39 -19.76 0.25
CA THR E 74 0.05 -19.82 0.12
C THR E 74 0.67 -21.00 0.85
N SER E 75 -0.15 -21.92 1.39
CA SER E 75 0.39 -23.17 1.92
C SER E 75 0.99 -24.00 0.80
N THR E 76 0.22 -24.22 -0.27
CA THR E 76 0.74 -24.65 -1.55
C THR E 76 0.77 -23.44 -2.47
N ILE E 77 1.78 -23.40 -3.35
CA ILE E 77 1.96 -22.26 -4.25
C ILE E 77 0.92 -22.38 -5.35
N THR E 78 -0.23 -21.73 -5.17
CA THR E 78 -1.37 -21.89 -6.06
C THR E 78 -2.26 -20.68 -5.93
N ALA E 79 -2.57 -20.02 -7.05
CA ALA E 79 -3.50 -18.90 -7.08
C ALA E 79 -4.69 -19.25 -7.96
N TYR E 80 -5.87 -18.83 -7.52
CA TYR E 80 -7.11 -19.16 -8.21
C TYR E 80 -7.69 -17.95 -8.93
N LEU E 81 -8.60 -18.25 -9.85
CA LEU E 81 -9.51 -17.29 -10.46
C LEU E 81 -10.92 -17.83 -10.28
N LYS E 82 -11.82 -17.02 -9.74
CA LYS E 82 -13.20 -17.42 -9.54
C LYS E 82 -14.10 -16.47 -10.32
N ILE E 83 -14.97 -17.02 -11.14
CA ILE E 83 -15.86 -16.24 -11.99
C ILE E 83 -17.30 -16.54 -11.60
N ASN E 84 -18.00 -15.53 -11.11
CA ASN E 84 -19.39 -15.66 -10.75
C ASN E 84 -20.27 -15.27 -11.92
N ASN E 85 -21.40 -15.98 -12.07
CA ASN E 85 -22.50 -15.64 -12.98
C ASN E 85 -22.02 -15.54 -14.44
N LEU E 86 -21.63 -16.71 -14.95
CA LEU E 86 -21.08 -16.81 -16.31
C LEU E 86 -22.13 -16.44 -17.35
N LYS E 87 -21.76 -15.55 -18.27
CA LYS E 87 -22.63 -15.09 -19.34
C LYS E 87 -22.12 -15.64 -20.67
N ASN E 88 -22.77 -15.20 -21.75
CA ASN E 88 -22.54 -15.75 -23.08
C ASN E 88 -21.28 -15.20 -23.76
N GLU E 89 -20.65 -14.17 -23.19
CA GLU E 89 -19.56 -13.48 -23.85
C GLU E 89 -18.21 -13.67 -23.16
N ASP E 90 -18.14 -14.48 -22.10
CA ASP E 90 -16.91 -14.66 -21.35
C ASP E 90 -16.05 -15.80 -21.88
N THR E 91 -16.28 -16.25 -23.10
CA THR E 91 -15.53 -17.37 -23.66
C THR E 91 -14.21 -16.87 -24.26
N ALA E 92 -13.12 -17.16 -23.58
CA ALA E 92 -11.80 -16.67 -23.96
C ALA E 92 -10.75 -17.52 -23.25
N THR E 93 -9.50 -17.35 -23.66
CA THR E 93 -8.39 -17.94 -22.93
C THR E 93 -8.01 -17.02 -21.77
N TYR E 94 -7.51 -17.61 -20.70
CA TYR E 94 -7.21 -16.86 -19.47
C TYR E 94 -5.79 -17.22 -19.04
N PHE E 95 -4.82 -16.45 -19.50
CA PHE E 95 -3.44 -16.67 -19.06
C PHE E 95 -3.26 -16.13 -17.65
N CYS E 96 -2.14 -16.52 -17.04
CA CYS E 96 -1.69 -15.92 -15.79
C CYS E 96 -0.23 -15.53 -15.95
N ALA E 97 0.08 -14.28 -15.65
CA ALA E 97 1.36 -13.69 -16.00
C ALA E 97 2.11 -13.23 -14.76
N ARG E 98 3.42 -13.49 -14.74
CA ARG E 98 4.26 -13.17 -13.60
C ARG E 98 4.79 -11.75 -13.75
N GLY E 99 3.91 -10.78 -13.54
CA GLY E 99 4.32 -9.39 -13.54
C GLY E 99 4.87 -8.99 -12.18
N GLY E 100 6.01 -8.29 -12.21
CA GLY E 100 6.69 -7.94 -11.00
C GLY E 100 5.98 -6.88 -10.19
N ASN E 101 6.43 -6.72 -8.95
CA ASN E 101 5.90 -5.71 -8.05
C ASN E 101 6.70 -4.43 -8.08
N TRP E 102 7.62 -4.30 -9.04
CA TRP E 102 8.35 -3.06 -9.26
C TRP E 102 8.48 -2.68 -10.73
N ASP E 103 8.12 -3.57 -11.66
CA ASP E 103 8.34 -3.32 -13.08
C ASP E 103 7.06 -3.32 -13.89
N TRP E 104 6.16 -4.28 -13.63
CA TRP E 104 4.90 -4.48 -14.37
C TRP E 104 5.12 -4.70 -15.86
N TYR E 105 6.04 -5.60 -16.19
CA TYR E 105 6.01 -6.26 -17.49
C TYR E 105 5.83 -7.76 -17.25
N PHE E 106 5.00 -8.37 -18.07
CA PHE E 106 4.65 -9.78 -17.90
C PHE E 106 5.78 -10.61 -18.50
N ASP E 107 6.74 -11.00 -17.67
CA ASP E 107 7.96 -11.64 -18.15
C ASP E 107 7.74 -13.08 -18.57
N VAL E 108 7.33 -13.95 -17.65
CA VAL E 108 7.17 -15.37 -17.91
C VAL E 108 5.70 -15.74 -17.74
N TRP E 109 5.15 -16.44 -18.73
CA TRP E 109 3.72 -16.64 -18.86
C TRP E 109 3.35 -18.08 -18.55
N GLY E 110 2.08 -18.42 -18.75
CA GLY E 110 1.60 -19.77 -18.60
C GLY E 110 1.14 -20.36 -19.92
N ALA E 111 0.12 -21.21 -19.88
CA ALA E 111 -0.41 -21.85 -21.08
C ALA E 111 -1.77 -21.29 -21.48
N GLY E 112 -2.70 -21.23 -20.55
CA GLY E 112 -4.00 -20.65 -20.84
C GLY E 112 -5.08 -21.71 -20.98
N THR E 113 -6.26 -21.42 -20.44
CA THR E 113 -7.40 -22.33 -20.47
C THR E 113 -8.48 -21.73 -21.36
N THR E 114 -8.76 -22.40 -22.47
CA THR E 114 -9.77 -21.94 -23.43
C THR E 114 -11.14 -22.35 -22.91
N VAL E 115 -11.72 -21.53 -22.05
CA VAL E 115 -13.04 -21.85 -21.52
C VAL E 115 -14.09 -21.51 -22.55
N THR E 116 -15.17 -22.29 -22.56
CA THR E 116 -16.29 -22.10 -23.48
C THR E 116 -17.59 -22.17 -22.69
N VAL E 117 -18.58 -21.41 -23.14
CA VAL E 117 -19.90 -21.41 -22.53
C VAL E 117 -20.94 -21.68 -23.62
N SER E 118 -21.94 -22.49 -23.29
CA SER E 118 -22.97 -22.86 -24.25
C SER E 118 -24.24 -23.23 -23.49
N SER E 119 -25.37 -23.09 -24.18
CA SER E 119 -26.68 -23.36 -23.58
C SER E 119 -26.89 -24.84 -23.34
#